data_1S5O
#
_entry.id   1S5O
#
_cell.length_a   137.560
_cell.length_b   84.650
_cell.length_c   57.370
_cell.angle_alpha   90.00
_cell.angle_beta   90.00
_cell.angle_gamma   90.00
#
_symmetry.space_group_name_H-M   'P 21 21 21'
#
loop_
_entity.id
_entity.type
_entity.pdbx_description
1 polymer 'carnitine acetyltransferase isoform 2'
2 non-polymer CARNITINE
3 water water
#
_entity_poly.entity_id   1
_entity_poly.type   'polypeptide(L)'
_entity_poly.pdbx_seq_one_letter_code
;MRGSHHHHHHTDPLPRLPVPPLQQSLDHYLKALQPIVSEEEWAHTKQLVDEFQASGGVGERLQKGLERRARKTENWLSEW
WLKTAYLQYRQPVVIYSSPGVMLPKQDFVDLQGQLRFAAKLIEGVLDFKVMIDNETLPVEYLGGKPLCMNQYYQILSSCR
VPGPKQDTVSNFSKTKKPPTHITVVHNYQFFELDVYHSDGTPLTADQIFVQLEKIWNSSLQTNKEPVGILTSNHRNSWAK
AYNTLIKDKVNRDSVRSIQKSIFTVCLDATMPRVSEDVYRSHVAGQMLHGGGSRLNSGNRWFDKTLQFIVAEDGSCGLVY
EHAAAEGPPIVTLLDYVIEYTKKPELVRSPMVPLPMPKKLRFNITPEIKSDIEKAKQNLSIMIQDLDITVMVFHHFGKDF
PKSEKLSPDAFIQMALQLAYYRIYGQACATYESASLRMFHLGRTDTIRSASMDSLTFVKAMDDSSVTEHQKVELLRKAVQ
AHRGYTDRAIRGEAFDRHLLGLKLQAIEDLVSTPDIFMDTSYAIAMHFHLSTSQVPAKTDCVMFFGPVVPDGYGVCYNPM
EAHINFSLSAYNSCAETNAARLAHYLEKALLDMRALLQSHPRAKLISEEDLSLISG
;
_entity_poly.pdbx_strand_id   A
#
loop_
_chem_comp.id
_chem_comp.type
_chem_comp.name
_chem_comp.formula
152 non-polymer CARNITINE 'C7 H16 N O3 1'
#
# COMPACT_ATOMS: atom_id res chain seq x y z
N HIS A 9 -29.05 7.17 16.89
CA HIS A 9 -29.30 5.75 16.70
C HIS A 9 -28.14 5.01 16.02
N HIS A 10 -27.36 4.29 16.81
CA HIS A 10 -26.18 3.56 16.33
C HIS A 10 -25.90 2.27 17.08
N THR A 11 -25.02 1.44 16.51
CA THR A 11 -24.62 0.21 17.18
C THR A 11 -23.42 0.51 18.09
N ASP A 12 -23.13 -0.40 19.02
CA ASP A 12 -22.08 -0.22 20.00
C ASP A 12 -20.72 0.02 19.36
N PRO A 13 -19.80 0.60 20.14
CA PRO A 13 -18.44 0.82 19.63
C PRO A 13 -17.70 -0.50 19.45
N LEU A 14 -16.64 -0.51 18.67
CA LEU A 14 -15.86 -1.72 18.48
C LEU A 14 -14.95 -1.99 19.67
N PRO A 15 -14.51 -3.23 19.84
CA PRO A 15 -13.51 -3.47 20.90
C PRO A 15 -12.20 -2.73 20.62
N ARG A 16 -11.46 -2.46 21.70
CA ARG A 16 -10.16 -1.81 21.54
C ARG A 16 -9.05 -2.82 21.25
N LEU A 17 -8.03 -2.37 20.52
CA LEU A 17 -6.89 -3.23 20.21
C LEU A 17 -6.31 -3.80 21.50
N PRO A 18 -6.21 -5.11 21.62
CA PRO A 18 -5.66 -5.69 22.85
C PRO A 18 -4.15 -5.59 22.93
N VAL A 19 -3.61 -5.63 24.14
CA VAL A 19 -2.19 -5.88 24.36
C VAL A 19 -2.03 -7.37 24.67
N PRO A 20 -1.32 -8.12 23.84
CA PRO A 20 -1.23 -9.56 24.11
C PRO A 20 -0.43 -9.80 25.38
N PRO A 21 -0.64 -10.91 26.07
CA PRO A 21 0.23 -11.32 27.17
C PRO A 21 1.68 -11.41 26.71
N LEU A 22 2.62 -11.00 27.56
CA LEU A 22 4.04 -11.04 27.21
C LEU A 22 4.50 -12.44 26.86
N GLN A 23 4.18 -13.39 27.74
CA GLN A 23 4.63 -14.76 27.48
C GLN A 23 4.04 -15.29 26.20
N GLN A 24 2.81 -14.91 25.87
CA GLN A 24 2.25 -15.53 24.66
C GLN A 24 3.02 -15.07 23.43
N SER A 25 3.40 -13.80 23.44
CA SER A 25 4.15 -13.23 22.32
C SER A 25 5.59 -13.70 22.29
N LEU A 26 6.28 -13.72 23.43
CA LEU A 26 7.67 -14.21 23.37
C LEU A 26 7.76 -15.66 22.91
N ASP A 27 6.79 -16.50 23.29
CA ASP A 27 6.79 -17.89 22.87
C ASP A 27 6.54 -17.96 21.35
N HIS A 28 5.60 -17.09 20.93
CA HIS A 28 5.35 -17.09 19.48
C HIS A 28 6.61 -16.63 18.75
N TYR A 29 7.26 -15.61 19.30
CA TYR A 29 8.51 -15.10 18.72
C TYR A 29 9.50 -16.26 18.59
N LEU A 30 9.72 -16.97 19.71
CA LEU A 30 10.68 -18.08 19.69
C LEU A 30 10.22 -19.14 18.70
N LYS A 31 8.93 -19.46 18.70
CA LYS A 31 8.45 -20.37 17.66
C LYS A 31 8.80 -19.86 16.26
N ALA A 32 8.53 -18.60 15.97
CA ALA A 32 8.77 -18.03 14.66
C ALA A 32 10.25 -17.91 14.29
N LEU A 33 11.19 -17.89 15.24
CA LEU A 33 12.61 -17.85 14.86
C LEU A 33 13.19 -19.16 14.34
N GLN A 34 12.68 -20.29 14.82
CA GLN A 34 13.24 -21.61 14.55
C GLN A 34 13.62 -21.85 13.10
N PRO A 35 12.80 -21.56 12.10
CA PRO A 35 13.23 -21.86 10.72
C PRO A 35 14.21 -20.86 10.11
N ILE A 36 14.50 -19.72 10.72
CA ILE A 36 15.30 -18.71 10.02
C ILE A 36 16.55 -18.31 10.78
N VAL A 37 16.79 -18.89 11.94
CA VAL A 37 18.06 -18.59 12.62
C VAL A 37 18.81 -19.89 12.93
N SER A 38 20.13 -19.79 13.08
CA SER A 38 20.91 -20.99 13.37
C SER A 38 20.58 -21.52 14.78
N GLU A 39 20.89 -22.79 14.96
CA GLU A 39 20.78 -23.52 16.21
C GLU A 39 21.41 -22.75 17.35
N GLU A 40 22.58 -22.19 17.08
CA GLU A 40 23.35 -21.40 18.04
C GLU A 40 22.72 -20.05 18.27
N GLU A 41 22.23 -19.42 17.20
CA GLU A 41 21.51 -18.16 17.45
C GLU A 41 20.23 -18.46 18.21
N TRP A 42 19.51 -19.53 17.85
CA TRP A 42 18.25 -19.78 18.56
C TRP A 42 18.46 -19.98 20.05
N ALA A 43 19.54 -20.71 20.40
CA ALA A 43 19.70 -20.99 21.83
C ALA A 43 20.08 -19.73 22.59
N HIS A 44 20.92 -18.91 21.97
CA HIS A 44 21.29 -17.62 22.56
C HIS A 44 20.07 -16.75 22.79
N THR A 45 19.22 -16.74 21.76
CA THR A 45 18.02 -15.90 21.79
C THR A 45 17.06 -16.37 22.87
N LYS A 46 17.01 -17.70 23.03
CA LYS A 46 16.09 -18.23 24.04
C LYS A 46 16.62 -17.80 25.41
N GLN A 47 17.96 -17.79 25.53
CA GLN A 47 18.46 -17.36 26.85
C GLN A 47 18.13 -15.88 27.05
N LEU A 48 18.26 -15.15 25.98
CA LEU A 48 17.98 -13.72 26.05
C LEU A 48 16.51 -13.54 26.42
N VAL A 49 15.65 -14.34 25.79
CA VAL A 49 14.20 -14.20 26.00
C VAL A 49 13.86 -14.56 27.44
N ASP A 50 14.63 -15.52 27.96
CA ASP A 50 14.47 -15.93 29.35
C ASP A 50 14.89 -14.82 30.29
N GLU A 51 16.02 -14.18 30.02
CA GLU A 51 16.38 -13.06 30.90
C GLU A 51 15.36 -11.94 30.78
N PHE A 52 14.77 -11.81 29.59
CA PHE A 52 13.85 -10.70 29.29
C PHE A 52 12.55 -10.80 30.08
N GLN A 53 11.97 -11.99 30.06
CA GLN A 53 10.69 -12.19 30.74
C GLN A 53 10.87 -12.57 32.20
N ALA A 54 12.12 -12.54 32.67
CA ALA A 54 12.41 -12.94 34.04
C ALA A 54 11.57 -12.13 35.02
N SER A 55 11.11 -12.81 36.06
CA SER A 55 10.42 -12.16 37.15
C SER A 55 11.26 -10.98 37.64
N GLY A 56 10.64 -9.81 37.78
CA GLY A 56 11.40 -8.63 38.17
C GLY A 56 12.35 -8.17 37.07
N GLY A 57 12.08 -8.51 35.81
CA GLY A 57 12.98 -8.15 34.72
C GLY A 57 12.51 -6.99 33.87
N VAL A 58 13.23 -6.64 32.82
CA VAL A 58 12.92 -5.56 31.90
C VAL A 58 11.59 -5.70 31.16
N GLY A 59 11.25 -6.92 30.74
CA GLY A 59 10.09 -7.16 29.89
C GLY A 59 8.80 -6.97 30.65
N GLU A 60 8.76 -7.44 31.90
CA GLU A 60 7.52 -7.27 32.67
C GLU A 60 7.20 -5.80 32.84
N ARG A 61 8.25 -4.98 32.97
CA ARG A 61 7.98 -3.57 33.25
C ARG A 61 7.40 -2.92 31.99
N LEU A 62 8.05 -3.23 30.87
CA LEU A 62 7.61 -2.69 29.58
C LEU A 62 6.19 -3.12 29.24
N GLN A 63 5.80 -4.34 29.59
CA GLN A 63 4.45 -4.84 29.37
C GLN A 63 3.42 -4.09 30.20
N LYS A 64 3.76 -3.82 31.46
CA LYS A 64 2.84 -3.01 32.26
C LYS A 64 2.70 -1.63 31.65
N GLY A 65 3.74 -1.12 30.97
CA GLY A 65 3.59 0.19 30.34
C GLY A 65 2.62 0.16 29.17
N LEU A 66 2.68 -0.91 28.38
CA LEU A 66 1.74 -1.00 27.26
C LEU A 66 0.33 -1.10 27.81
N GLU A 67 0.18 -1.91 28.87
CA GLU A 67 -1.16 -2.12 29.41
C GLU A 67 -1.71 -0.78 29.87
N ARG A 68 -0.80 0.04 30.39
CA ARG A 68 -1.18 1.37 30.85
C ARG A 68 -1.68 2.21 29.69
N ARG A 69 -0.86 2.18 28.65
CA ARG A 69 -1.10 2.91 27.41
C ARG A 69 -2.48 2.60 26.83
N ALA A 70 -2.76 1.31 26.66
CA ALA A 70 -4.07 0.93 26.14
C ALA A 70 -5.18 1.48 27.01
N ARG A 71 -4.91 1.65 28.31
CA ARG A 71 -5.97 2.18 29.16
C ARG A 71 -6.21 3.67 28.92
N LYS A 72 -5.20 4.38 28.44
CA LYS A 72 -5.21 5.81 28.27
C LYS A 72 -5.50 6.24 26.83
N THR A 73 -5.62 5.30 25.90
CA THR A 73 -5.69 5.68 24.49
C THR A 73 -6.87 4.92 23.87
N GLU A 74 -7.29 5.34 22.69
CA GLU A 74 -8.35 4.66 21.95
C GLU A 74 -7.78 3.42 21.26
N ASN A 75 -6.51 3.54 20.89
CA ASN A 75 -5.74 2.47 20.25
C ASN A 75 -4.29 2.62 20.66
N TRP A 76 -3.74 1.68 21.46
CA TRP A 76 -2.42 1.90 22.06
C TRP A 76 -1.32 2.03 21.00
N LEU A 77 -1.60 1.59 19.79
CA LEU A 77 -0.53 1.48 18.82
C LEU A 77 -0.58 2.59 17.78
N SER A 78 -1.75 3.23 17.61
CA SER A 78 -1.96 3.97 16.37
C SER A 78 -0.93 5.08 16.15
N GLU A 79 -0.65 5.91 17.15
CA GLU A 79 0.31 6.99 16.91
C GLU A 79 1.70 6.44 16.62
N TRP A 80 2.06 5.42 17.38
CA TRP A 80 3.39 4.83 17.22
C TRP A 80 3.59 4.30 15.82
N TRP A 81 2.56 3.57 15.37
CA TRP A 81 2.71 2.97 14.03
C TRP A 81 2.76 4.00 12.93
N LEU A 82 1.88 5.01 12.99
CA LEU A 82 1.85 6.08 12.00
C LEU A 82 3.23 6.71 11.87
N LYS A 83 3.79 7.04 13.02
CA LYS A 83 5.09 7.68 13.14
C LYS A 83 6.25 6.80 12.71
N THR A 84 6.28 5.54 13.19
CA THR A 84 7.50 4.78 12.87
C THR A 84 7.42 4.19 11.48
N ALA A 85 6.26 3.72 11.02
CA ALA A 85 6.20 3.17 9.67
C ALA A 85 6.15 4.24 8.59
N TYR A 86 5.65 5.47 8.89
CA TYR A 86 5.51 6.41 7.78
C TYR A 86 6.11 7.77 8.06
N LEU A 87 5.52 8.50 9.00
CA LEU A 87 5.89 9.90 9.13
C LEU A 87 7.31 10.17 9.58
N GLN A 88 7.97 9.22 10.25
CA GLN A 88 9.38 9.50 10.57
C GLN A 88 10.32 8.75 9.64
N TYR A 89 9.79 7.99 8.69
CA TYR A 89 10.55 7.27 7.70
C TYR A 89 10.98 8.20 6.58
N ARG A 90 12.26 8.35 6.31
CA ARG A 90 12.66 9.51 5.49
C ARG A 90 13.07 9.18 4.08
N GLN A 91 13.01 7.94 3.64
CA GLN A 91 13.17 7.58 2.24
C GLN A 91 12.04 8.21 1.41
N PRO A 92 12.23 8.41 0.11
CA PRO A 92 11.15 8.85 -0.78
C PRO A 92 9.88 8.07 -0.49
N VAL A 93 8.68 8.66 -0.63
CA VAL A 93 7.50 7.80 -0.50
C VAL A 93 7.29 6.97 -1.76
N VAL A 94 7.78 7.50 -2.87
CA VAL A 94 7.68 6.85 -4.18
C VAL A 94 8.38 5.49 -4.14
N ILE A 95 7.75 4.42 -4.56
CA ILE A 95 8.26 3.06 -4.61
C ILE A 95 8.42 2.51 -3.18
N TYR A 96 9.06 3.18 -2.25
CA TYR A 96 9.37 2.59 -0.96
C TYR A 96 8.14 2.53 -0.05
N SER A 97 7.14 3.36 -0.35
CA SER A 97 6.05 3.55 0.59
C SER A 97 4.67 3.63 -0.03
N SER A 98 4.49 4.45 -1.06
CA SER A 98 3.19 4.62 -1.69
C SER A 98 2.89 3.50 -2.67
N PRO A 99 1.94 2.64 -2.35
CA PRO A 99 1.58 1.59 -3.29
C PRO A 99 0.71 2.09 -4.45
N GLY A 100 0.91 1.43 -5.60
CA GLY A 100 0.13 1.78 -6.77
C GLY A 100 -0.81 0.66 -7.17
N VAL A 101 -1.84 1.00 -7.96
CA VAL A 101 -2.85 0.07 -8.39
C VAL A 101 -3.03 0.24 -9.90
N MET A 102 -3.05 -0.88 -10.60
CA MET A 102 -3.30 -0.87 -12.04
C MET A 102 -4.67 -1.48 -12.31
N LEU A 103 -5.47 -0.74 -13.05
CA LEU A 103 -6.83 -1.17 -13.40
C LEU A 103 -6.81 -1.94 -14.71
N PRO A 104 -7.88 -2.62 -15.08
CA PRO A 104 -7.88 -3.14 -16.46
C PRO A 104 -7.76 -1.92 -17.39
N LYS A 105 -7.06 -2.06 -18.51
CA LYS A 105 -6.95 -0.92 -19.43
C LYS A 105 -8.32 -0.56 -19.97
N GLN A 106 -8.65 0.72 -20.05
CA GLN A 106 -9.96 1.12 -20.57
C GLN A 106 -9.95 1.17 -22.10
N ASP A 107 -11.15 1.27 -22.65
CA ASP A 107 -11.52 1.23 -24.05
C ASP A 107 -11.07 2.43 -24.88
N PHE A 108 -11.27 3.62 -24.32
CA PHE A 108 -11.12 4.89 -25.01
C PHE A 108 -9.84 4.92 -25.84
N VAL A 109 -9.97 5.62 -26.95
CA VAL A 109 -9.07 5.70 -28.08
C VAL A 109 -8.91 7.12 -28.60
N ASP A 110 -9.67 8.06 -28.03
CA ASP A 110 -9.51 9.47 -28.40
C ASP A 110 -9.68 10.32 -27.13
N LEU A 111 -9.23 11.57 -27.19
CA LEU A 111 -9.31 12.47 -26.05
C LEU A 111 -10.71 12.57 -25.45
N GLN A 112 -11.74 12.48 -26.29
CA GLN A 112 -13.11 12.55 -25.78
C GLN A 112 -13.38 11.41 -24.80
N GLY A 113 -13.02 10.21 -25.24
CA GLY A 113 -13.16 8.98 -24.49
C GLY A 113 -12.34 9.04 -23.21
N GLN A 114 -11.11 9.52 -23.34
CA GLN A 114 -10.25 9.69 -22.17
C GLN A 114 -10.87 10.65 -21.17
N LEU A 115 -11.37 11.80 -21.64
CA LEU A 115 -11.87 12.78 -20.68
C LEU A 115 -13.28 12.44 -20.20
N ARG A 116 -14.03 11.73 -21.00
CA ARG A 116 -15.32 11.17 -20.61
C ARG A 116 -15.13 10.21 -19.41
N PHE A 117 -14.15 9.31 -19.60
CA PHE A 117 -13.88 8.35 -18.54
C PHE A 117 -13.39 9.08 -17.29
N ALA A 118 -12.40 9.98 -17.41
CA ALA A 118 -11.98 10.73 -16.23
C ALA A 118 -13.15 11.44 -15.55
N ALA A 119 -14.05 11.99 -16.36
CA ALA A 119 -15.28 12.65 -15.93
C ALA A 119 -16.14 11.74 -15.06
N LYS A 120 -16.38 10.53 -15.53
CA LYS A 120 -17.16 9.53 -14.83
C LYS A 120 -16.47 9.05 -13.56
N LEU A 121 -15.15 8.90 -13.66
CA LEU A 121 -14.34 8.58 -12.48
C LEU A 121 -14.58 9.62 -11.40
N ILE A 122 -14.48 10.90 -11.82
CA ILE A 122 -14.65 11.94 -10.81
C ILE A 122 -16.07 11.91 -10.24
N GLU A 123 -17.06 11.70 -11.10
CA GLU A 123 -18.45 11.62 -10.63
C GLU A 123 -18.60 10.51 -9.59
N GLY A 124 -17.96 9.37 -9.88
CA GLY A 124 -18.06 8.25 -8.97
C GLY A 124 -17.39 8.57 -7.64
N VAL A 125 -16.23 9.24 -7.69
CA VAL A 125 -15.59 9.57 -6.42
C VAL A 125 -16.54 10.44 -5.60
N LEU A 126 -17.21 11.39 -6.25
CA LEU A 126 -18.07 12.33 -5.54
C LEU A 126 -19.32 11.66 -4.97
N ASP A 127 -19.79 10.67 -5.71
CA ASP A 127 -20.90 9.88 -5.20
C ASP A 127 -20.48 9.11 -3.95
N PHE A 128 -19.35 8.40 -3.98
CA PHE A 128 -18.86 7.70 -2.79
C PHE A 128 -18.69 8.68 -1.66
N LYS A 129 -18.16 9.86 -2.04
CA LYS A 129 -17.94 10.91 -1.07
C LYS A 129 -19.21 11.30 -0.31
N VAL A 130 -20.39 11.10 -0.90
CA VAL A 130 -21.61 11.46 -0.16
C VAL A 130 -21.68 10.68 1.15
N MET A 131 -21.38 9.37 1.04
CA MET A 131 -21.50 8.54 2.25
C MET A 131 -20.35 8.88 3.19
N ILE A 132 -19.19 9.18 2.58
CA ILE A 132 -18.08 9.64 3.43
C ILE A 132 -18.52 10.88 4.20
N ASP A 133 -18.94 11.95 3.51
CA ASP A 133 -19.29 13.18 4.23
C ASP A 133 -20.39 12.96 5.27
N ASN A 134 -21.28 12.03 4.97
CA ASN A 134 -22.46 11.76 5.79
C ASN A 134 -22.23 10.70 6.86
N GLU A 135 -21.19 9.89 6.69
CA GLU A 135 -20.85 8.79 7.58
C GLU A 135 -21.90 7.69 7.47
N THR A 136 -22.25 7.44 6.21
CA THR A 136 -23.31 6.48 5.89
C THR A 136 -22.80 5.34 5.05
N LEU A 137 -21.48 5.17 4.97
CA LEU A 137 -20.88 4.00 4.35
C LEU A 137 -21.47 2.71 4.91
N PRO A 138 -21.95 1.75 4.12
CA PRO A 138 -22.34 0.48 4.72
C PRO A 138 -21.19 -0.17 5.49
N VAL A 139 -21.40 -0.47 6.76
CA VAL A 139 -20.34 -1.02 7.59
C VAL A 139 -19.87 -2.36 7.06
N GLU A 140 -18.55 -2.56 6.97
CA GLU A 140 -18.05 -3.86 6.52
C GLU A 140 -17.96 -4.85 7.66
N TYR A 141 -18.22 -6.13 7.42
CA TYR A 141 -18.22 -7.12 8.50
C TYR A 141 -17.21 -8.22 8.25
N LEU A 142 -16.68 -8.82 9.31
CA LEU A 142 -15.80 -9.97 9.12
C LEU A 142 -16.18 -11.00 10.18
N GLY A 143 -16.52 -12.20 9.74
CA GLY A 143 -16.95 -13.22 10.70
C GLY A 143 -18.10 -12.69 11.56
N GLY A 144 -19.11 -12.08 10.93
CA GLY A 144 -20.28 -11.66 11.68
C GLY A 144 -20.03 -10.54 12.66
N LYS A 145 -18.86 -9.91 12.59
CA LYS A 145 -18.50 -8.81 13.48
C LYS A 145 -18.13 -7.58 12.67
N PRO A 146 -18.50 -6.39 13.13
CA PRO A 146 -18.27 -5.17 12.35
C PRO A 146 -16.80 -4.74 12.33
N LEU A 147 -16.43 -4.05 11.24
CA LEU A 147 -15.05 -3.57 11.11
C LEU A 147 -15.01 -2.04 11.21
N CYS A 148 -13.93 -1.54 11.79
CA CYS A 148 -13.69 -0.11 11.85
C CYS A 148 -13.74 0.54 10.47
N MET A 149 -14.46 1.65 10.34
CA MET A 149 -14.59 2.31 9.04
C MET A 149 -13.74 3.57 8.94
N ASN A 150 -12.94 3.81 9.99
CA ASN A 150 -12.18 5.02 10.14
C ASN A 150 -11.28 5.34 8.97
N GLN A 151 -10.73 4.33 8.31
CA GLN A 151 -9.77 4.60 7.24
C GLN A 151 -10.47 5.25 6.07
N TYR A 152 -11.77 5.01 5.92
CA TYR A 152 -12.43 5.62 4.76
C TYR A 152 -12.56 7.12 4.86
N TYR A 153 -12.41 7.65 6.08
CA TYR A 153 -12.51 9.08 6.30
C TYR A 153 -11.14 9.75 6.27
N GLN A 154 -10.12 8.99 5.89
CA GLN A 154 -8.78 9.56 5.83
C GLN A 154 -8.21 9.60 4.42
N ILE A 155 -9.06 9.36 3.42
CA ILE A 155 -8.61 9.25 2.04
C ILE A 155 -8.81 10.51 1.21
N LEU A 156 -9.94 11.20 1.38
CA LEU A 156 -10.21 12.34 0.50
C LEU A 156 -9.80 13.64 1.18
N SER A 157 -9.43 14.62 0.34
CA SER A 157 -9.11 15.95 0.84
C SER A 157 -7.96 15.92 1.84
N SER A 158 -6.99 15.07 1.55
CA SER A 158 -5.85 15.02 2.47
C SER A 158 -4.53 14.94 1.70
N CYS A 159 -3.48 15.30 2.42
CA CYS A 159 -2.17 15.38 1.80
C CYS A 159 -1.06 15.27 2.84
N ARG A 160 -0.02 14.55 2.48
CA ARG A 160 1.18 14.55 3.32
C ARG A 160 1.86 15.91 3.14
N VAL A 161 2.45 16.40 4.22
CA VAL A 161 3.17 17.67 4.23
C VAL A 161 4.61 17.41 4.66
N PRO A 162 5.60 17.75 3.85
CA PRO A 162 6.99 17.46 4.24
C PRO A 162 7.35 18.31 5.46
N GLY A 163 8.26 17.84 6.30
CA GLY A 163 8.68 18.58 7.49
C GLY A 163 10.18 18.33 7.64
N PRO A 164 10.89 19.19 8.34
CA PRO A 164 12.32 19.04 8.59
C PRO A 164 12.71 17.75 9.31
N LYS A 165 12.03 17.39 10.40
CA LYS A 165 12.37 16.20 11.16
C LYS A 165 11.51 15.00 10.75
N GLN A 166 10.21 15.22 10.65
CA GLN A 166 9.24 14.23 10.22
C GLN A 166 8.08 14.89 9.48
N ASP A 167 7.23 14.09 8.85
CA ASP A 167 6.14 14.63 8.05
C ASP A 167 4.87 14.63 8.87
N THR A 168 3.83 15.21 8.30
CA THR A 168 2.49 15.19 8.84
C THR A 168 1.49 14.89 7.71
N VAL A 169 0.25 14.67 8.11
CA VAL A 169 -0.81 14.48 7.11
C VAL A 169 -1.87 15.54 7.41
N SER A 170 -2.16 16.37 6.42
CA SER A 170 -3.25 17.33 6.55
C SER A 170 -4.53 16.73 5.96
N ASN A 171 -5.61 16.86 6.72
CA ASN A 171 -6.93 16.40 6.28
C ASN A 171 -7.91 17.56 6.32
N PHE A 172 -8.45 17.96 5.18
CA PHE A 172 -9.38 19.10 5.20
C PHE A 172 -10.83 18.68 5.03
N SER A 173 -11.09 17.39 5.10
CA SER A 173 -12.37 16.80 4.75
C SER A 173 -13.49 17.19 5.72
N LYS A 174 -13.12 17.68 6.90
CA LYS A 174 -14.19 18.00 7.84
C LYS A 174 -13.97 19.38 8.43
N THR A 175 -13.37 20.26 7.63
CA THR A 175 -13.21 21.64 8.08
C THR A 175 -14.57 22.34 8.04
N LYS A 176 -14.64 23.58 8.49
CA LYS A 176 -15.93 24.29 8.47
C LYS A 176 -16.47 24.32 7.05
N LYS A 177 -15.66 24.77 6.09
CA LYS A 177 -16.10 24.69 4.69
C LYS A 177 -15.13 23.84 3.89
N PRO A 178 -15.44 22.56 3.78
CA PRO A 178 -14.52 21.60 3.14
C PRO A 178 -14.32 21.96 1.67
N PRO A 179 -13.19 21.57 1.10
CA PRO A 179 -12.90 21.88 -0.29
C PRO A 179 -13.97 21.33 -1.21
N THR A 180 -14.25 22.04 -2.31
CA THR A 180 -15.19 21.53 -3.30
C THR A 180 -14.48 21.38 -4.62
N HIS A 181 -13.14 21.40 -4.56
CA HIS A 181 -12.43 21.29 -5.83
C HIS A 181 -11.58 20.02 -5.86
N ILE A 182 -11.32 19.51 -7.05
CA ILE A 182 -10.28 18.51 -7.23
C ILE A 182 -9.09 19.19 -7.90
N THR A 183 -7.93 18.52 -7.99
CA THR A 183 -6.91 19.12 -8.83
C THR A 183 -6.71 18.19 -10.03
N VAL A 184 -6.38 18.79 -11.17
CA VAL A 184 -6.10 17.95 -12.33
C VAL A 184 -4.72 18.31 -12.85
N VAL A 185 -3.91 17.35 -13.27
CA VAL A 185 -2.56 17.74 -13.71
C VAL A 185 -2.33 17.10 -15.07
N HIS A 186 -1.75 17.90 -15.97
CA HIS A 186 -1.59 17.48 -17.36
C HIS A 186 -0.36 18.18 -17.94
N ASN A 187 0.60 17.43 -18.47
CA ASN A 187 1.88 18.03 -18.86
C ASN A 187 2.50 18.86 -17.76
N TYR A 188 2.48 18.32 -16.54
CA TYR A 188 3.10 18.85 -15.35
C TYR A 188 2.42 20.10 -14.80
N GLN A 189 1.41 20.58 -15.52
CA GLN A 189 0.65 21.77 -15.10
C GLN A 189 -0.60 21.40 -14.31
N PHE A 190 -0.77 22.04 -13.17
CA PHE A 190 -1.81 21.75 -12.20
C PHE A 190 -2.97 22.74 -12.36
N PHE A 191 -4.20 22.29 -12.20
CA PHE A 191 -5.40 23.12 -12.30
C PHE A 191 -6.32 22.82 -11.13
N GLU A 192 -6.96 23.85 -10.61
CA GLU A 192 -7.99 23.71 -9.59
C GLU A 192 -9.36 23.60 -10.27
N LEU A 193 -10.03 22.46 -10.15
CA LEU A 193 -11.31 22.21 -10.78
C LEU A 193 -12.46 22.17 -9.78
N ASP A 194 -13.32 23.18 -9.74
CA ASP A 194 -14.45 23.16 -8.80
C ASP A 194 -15.44 22.10 -9.26
N VAL A 195 -15.86 21.21 -8.35
CA VAL A 195 -16.70 20.11 -8.85
C VAL A 195 -18.10 20.12 -8.24
N TYR A 196 -18.46 21.19 -7.56
CA TYR A 196 -19.79 21.40 -7.01
C TYR A 196 -20.37 22.74 -7.43
N HIS A 197 -21.67 22.82 -7.70
CA HIS A 197 -22.25 24.14 -7.98
C HIS A 197 -22.43 24.90 -6.65
N SER A 198 -22.74 26.18 -6.77
CA SER A 198 -22.98 27.05 -5.62
C SER A 198 -24.02 26.46 -4.68
N ASP A 199 -25.00 25.77 -5.26
CA ASP A 199 -26.04 25.11 -4.48
C ASP A 199 -25.52 23.86 -3.77
N GLY A 200 -24.31 23.41 -4.11
CA GLY A 200 -23.85 22.23 -3.34
C GLY A 200 -24.19 20.93 -4.02
N THR A 201 -24.81 21.03 -5.18
CA THR A 201 -25.00 19.84 -6.01
C THR A 201 -23.73 19.69 -6.84
N PRO A 202 -23.32 18.44 -7.04
CA PRO A 202 -22.11 18.18 -7.82
C PRO A 202 -22.28 18.55 -9.28
N LEU A 203 -21.22 19.02 -9.95
CA LEU A 203 -21.33 19.10 -11.40
C LEU A 203 -21.66 17.69 -11.91
N THR A 204 -22.28 17.61 -13.07
CA THR A 204 -22.60 16.39 -13.79
C THR A 204 -21.38 15.99 -14.60
N ALA A 205 -21.46 14.73 -15.02
CA ALA A 205 -20.40 14.15 -15.83
C ALA A 205 -20.14 15.04 -17.04
N ASP A 206 -21.20 15.46 -17.73
CA ASP A 206 -21.00 16.35 -18.89
C ASP A 206 -20.37 17.66 -18.48
N GLN A 207 -20.75 18.19 -17.33
CA GLN A 207 -20.15 19.48 -16.97
C GLN A 207 -18.69 19.23 -16.61
N ILE A 208 -18.43 18.10 -15.95
CA ILE A 208 -17.01 17.82 -15.65
C ILE A 208 -16.23 17.73 -16.96
N PHE A 209 -16.79 17.04 -17.95
CA PHE A 209 -16.08 16.87 -19.21
C PHE A 209 -15.71 18.22 -19.84
N VAL A 210 -16.67 19.12 -19.90
CA VAL A 210 -16.46 20.41 -20.57
C VAL A 210 -15.29 21.12 -19.92
N GLN A 211 -15.25 21.07 -18.59
CA GLN A 211 -14.17 21.70 -17.84
C GLN A 211 -12.86 20.95 -18.10
N LEU A 212 -12.89 19.62 -18.24
CA LEU A 212 -11.59 18.95 -18.43
C LEU A 212 -10.99 19.35 -19.78
N GLU A 213 -11.86 19.64 -20.75
CA GLU A 213 -11.40 20.01 -22.09
C GLU A 213 -10.71 21.37 -22.05
N LYS A 214 -11.27 22.26 -21.24
CA LYS A 214 -10.61 23.53 -21.03
C LYS A 214 -9.23 23.33 -20.40
N ILE A 215 -9.18 22.46 -19.39
CA ILE A 215 -7.91 22.19 -18.68
C ILE A 215 -6.92 21.61 -19.66
N TRP A 216 -7.35 20.69 -20.51
CA TRP A 216 -6.49 20.07 -21.51
C TRP A 216 -5.88 21.12 -22.45
N ASN A 217 -6.71 21.99 -23.02
CA ASN A 217 -6.34 23.02 -23.98
C ASN A 217 -5.46 24.11 -23.37
N SER A 218 -5.54 24.22 -22.05
CA SER A 218 -4.80 25.19 -21.27
C SER A 218 -3.45 24.62 -20.85
N SER A 219 -3.18 23.34 -21.16
CA SER A 219 -1.91 22.75 -20.71
C SER A 219 -1.24 21.92 -21.79
N LEU A 220 -1.34 22.38 -23.04
CA LEU A 220 -0.79 21.58 -24.12
C LEU A 220 0.73 21.60 -24.17
N GLN A 221 1.31 22.63 -23.60
CA GLN A 221 2.73 22.94 -23.62
C GLN A 221 3.47 21.83 -22.88
N THR A 222 4.59 21.35 -23.43
CA THR A 222 5.34 20.28 -22.79
C THR A 222 6.67 20.71 -22.17
N ASN A 223 7.03 21.98 -22.22
CA ASN A 223 8.33 22.44 -21.73
C ASN A 223 8.19 23.31 -20.48
N LYS A 224 7.23 22.92 -19.64
CA LYS A 224 7.04 23.58 -18.35
C LYS A 224 7.81 22.78 -17.30
N GLU A 225 8.35 23.42 -16.27
CA GLU A 225 9.16 22.65 -15.33
C GLU A 225 8.27 21.69 -14.55
N PRO A 226 8.70 20.46 -14.32
CA PRO A 226 7.83 19.52 -13.58
C PRO A 226 8.01 19.63 -12.08
N VAL A 227 7.48 20.72 -11.53
CA VAL A 227 7.55 20.99 -10.11
C VAL A 227 7.14 19.82 -9.24
N GLY A 228 6.11 19.10 -9.67
CA GLY A 228 5.59 18.00 -8.88
C GLY A 228 6.61 16.92 -8.64
N ILE A 229 7.60 16.79 -9.52
CA ILE A 229 8.60 15.74 -9.34
C ILE A 229 9.40 15.95 -8.08
N LEU A 230 9.37 17.15 -7.51
CA LEU A 230 10.02 17.38 -6.24
C LEU A 230 9.46 16.49 -5.14
N THR A 231 8.22 16.02 -5.28
CA THR A 231 7.59 15.24 -4.22
C THR A 231 8.08 13.79 -4.18
N SER A 232 8.91 13.43 -5.12
CA SER A 232 9.41 12.07 -5.29
C SER A 232 10.75 11.87 -4.58
N ASN A 233 11.24 12.94 -3.97
CA ASN A 233 12.59 12.96 -3.42
C ASN A 233 12.61 12.43 -2.00
N HIS A 234 13.84 12.19 -1.51
CA HIS A 234 14.06 11.86 -0.11
C HIS A 234 13.32 12.87 0.75
N ARG A 235 12.72 12.46 1.86
CA ARG A 235 11.86 13.43 2.56
C ARG A 235 12.66 14.58 3.14
N ASN A 236 13.95 14.38 3.44
CA ASN A 236 14.70 15.56 3.93
C ASN A 236 14.99 16.53 2.79
N SER A 237 15.32 16.01 1.61
CA SER A 237 15.54 16.85 0.44
C SER A 237 14.23 17.58 0.11
N TRP A 238 13.17 16.80 -0.04
CA TRP A 238 11.86 17.41 -0.36
C TRP A 238 11.44 18.41 0.71
N ALA A 239 11.78 18.18 1.99
CA ALA A 239 11.32 19.17 2.97
C ALA A 239 11.99 20.51 2.71
N LYS A 240 13.23 20.45 2.24
CA LYS A 240 13.98 21.66 1.94
C LYS A 240 13.53 22.30 0.64
N ALA A 241 13.34 21.53 -0.42
CA ALA A 241 12.84 22.12 -1.66
C ALA A 241 11.44 22.69 -1.52
N TYR A 242 10.64 22.07 -0.65
CA TYR A 242 9.28 22.50 -0.35
C TYR A 242 9.28 23.92 0.20
N ASN A 243 10.12 24.16 1.21
CA ASN A 243 10.14 25.49 1.80
C ASN A 243 10.65 26.53 0.80
N THR A 244 11.58 26.14 -0.05
CA THR A 244 12.07 27.07 -1.09
C THR A 244 10.89 27.41 -1.99
N LEU A 245 10.19 26.36 -2.41
CA LEU A 245 9.16 26.45 -3.43
C LEU A 245 8.06 27.41 -3.02
N ILE A 246 7.67 27.35 -1.75
CA ILE A 246 6.50 28.10 -1.33
C ILE A 246 6.87 29.44 -0.73
N LYS A 247 8.12 29.86 -0.92
CA LYS A 247 8.41 31.25 -0.55
C LYS A 247 7.54 32.19 -1.39
N ASP A 248 7.35 31.89 -2.67
CA ASP A 248 6.58 32.75 -3.55
C ASP A 248 5.08 32.56 -3.31
N LYS A 249 4.40 33.65 -3.06
CA LYS A 249 2.96 33.70 -2.85
C LYS A 249 2.16 32.85 -3.82
N VAL A 250 2.42 33.00 -5.13
CA VAL A 250 1.66 32.25 -6.12
C VAL A 250 1.98 30.76 -5.95
N ASN A 251 3.27 30.48 -5.80
CA ASN A 251 3.68 29.09 -5.60
C ASN A 251 2.95 28.46 -4.42
N ARG A 252 2.88 29.17 -3.32
CA ARG A 252 2.19 28.76 -2.10
C ARG A 252 0.71 28.53 -2.36
N ASP A 253 0.00 29.46 -2.98
CA ASP A 253 -1.40 29.19 -3.29
C ASP A 253 -1.62 27.94 -4.15
N SER A 254 -0.72 27.71 -5.09
CA SER A 254 -0.83 26.54 -5.98
C SER A 254 -0.65 25.23 -5.20
N VAL A 255 0.39 25.12 -4.38
CA VAL A 255 0.59 24.00 -3.48
C VAL A 255 -0.62 23.74 -2.59
N ARG A 256 -1.07 24.82 -1.96
CA ARG A 256 -2.25 24.86 -1.11
C ARG A 256 -3.48 24.24 -1.77
N SER A 257 -3.75 24.65 -3.01
CA SER A 257 -4.94 24.14 -3.69
C SER A 257 -4.77 22.65 -3.95
N ILE A 258 -3.54 22.27 -4.32
CA ILE A 258 -3.25 20.84 -4.50
C ILE A 258 -3.46 20.04 -3.23
N GLN A 259 -2.93 20.53 -2.11
CA GLN A 259 -2.97 19.84 -0.83
C GLN A 259 -4.42 19.71 -0.34
N LYS A 260 -5.21 20.77 -0.51
CA LYS A 260 -6.60 20.77 -0.06
C LYS A 260 -7.54 20.01 -0.99
N SER A 261 -7.12 19.75 -2.22
CA SER A 261 -8.06 19.19 -3.20
C SER A 261 -8.61 17.83 -2.78
N ILE A 262 -9.84 17.55 -3.21
CA ILE A 262 -10.52 16.33 -2.76
C ILE A 262 -9.69 15.11 -3.14
N PHE A 263 -9.22 15.12 -4.38
CA PHE A 263 -8.27 14.12 -4.86
C PHE A 263 -7.61 14.73 -6.09
N THR A 264 -6.58 14.04 -6.57
CA THR A 264 -5.91 14.53 -7.77
C THR A 264 -6.14 13.58 -8.93
N VAL A 265 -6.37 14.13 -10.12
CA VAL A 265 -6.44 13.32 -11.32
C VAL A 265 -5.25 13.64 -12.22
N CYS A 266 -4.46 12.65 -12.59
CA CYS A 266 -3.32 12.85 -13.48
C CYS A 266 -3.63 12.45 -14.91
N LEU A 267 -3.54 13.39 -15.85
CA LEU A 267 -3.80 13.07 -17.25
C LEU A 267 -2.44 12.83 -17.92
N ASP A 268 -2.11 11.56 -18.03
CA ASP A 268 -0.75 11.12 -18.33
C ASP A 268 -0.49 11.07 -19.82
N ALA A 269 0.78 11.32 -20.17
CA ALA A 269 1.22 11.13 -21.55
C ALA A 269 1.48 9.65 -21.78
N THR A 270 1.44 9.16 -23.03
CA THR A 270 1.69 7.70 -23.11
C THR A 270 3.18 7.42 -23.01
N MET A 271 3.51 6.22 -22.52
CA MET A 271 4.90 5.81 -22.32
C MET A 271 5.60 5.48 -23.63
N PRO A 272 6.92 5.35 -23.60
CA PRO A 272 7.73 4.86 -24.73
C PRO A 272 7.24 3.51 -25.26
N ARG A 273 8.01 2.93 -26.20
CA ARG A 273 7.77 1.63 -26.92
C ARG A 273 7.07 0.49 -26.18
N VAL A 274 7.96 -0.15 -25.40
CA VAL A 274 7.80 -1.34 -24.56
C VAL A 274 7.49 -2.59 -25.37
N SER A 275 8.48 -3.53 -25.30
CA SER A 275 8.61 -4.88 -25.90
C SER A 275 7.27 -5.58 -26.22
N GLU A 276 6.21 -5.18 -25.55
CA GLU A 276 4.94 -5.82 -25.88
C GLU A 276 4.77 -7.06 -25.01
N ASP A 277 5.68 -7.27 -24.11
CA ASP A 277 5.56 -8.34 -23.14
C ASP A 277 6.14 -7.80 -21.84
N VAL A 278 6.57 -6.54 -21.94
CA VAL A 278 7.16 -5.83 -20.83
C VAL A 278 6.26 -4.66 -20.45
N TYR A 279 5.12 -4.62 -21.13
CA TYR A 279 4.10 -3.60 -21.06
C TYR A 279 3.41 -3.54 -19.69
N ARG A 280 2.72 -4.62 -19.35
CA ARG A 280 1.93 -4.69 -18.13
C ARG A 280 2.77 -4.19 -16.96
N SER A 281 4.03 -4.62 -16.95
CA SER A 281 4.98 -4.20 -15.94
C SER A 281 5.47 -2.77 -16.18
N HIS A 282 5.44 -2.29 -17.42
CA HIS A 282 5.82 -0.87 -17.54
C HIS A 282 4.70 0.02 -17.01
N VAL A 283 3.46 -0.42 -17.24
CA VAL A 283 2.32 0.39 -16.80
C VAL A 283 2.26 0.38 -15.28
N ALA A 284 2.56 -0.78 -14.70
CA ALA A 284 2.73 -0.85 -13.25
C ALA A 284 3.75 0.17 -12.78
N GLY A 285 4.88 0.28 -13.49
CA GLY A 285 5.85 1.30 -13.06
C GLY A 285 5.22 2.69 -13.20
N GLN A 286 4.50 2.90 -14.29
CA GLN A 286 3.87 4.20 -14.52
C GLN A 286 2.99 4.56 -13.33
N MET A 287 2.23 3.55 -12.86
CA MET A 287 1.32 3.80 -11.76
C MET A 287 2.04 4.02 -10.45
N LEU A 288 3.15 3.30 -10.26
CA LEU A 288 3.89 3.41 -9.03
C LEU A 288 4.74 4.67 -8.95
N HIS A 289 5.47 4.99 -10.02
CA HIS A 289 6.41 6.10 -9.92
C HIS A 289 6.33 7.06 -11.11
N GLY A 290 5.57 6.77 -12.16
CA GLY A 290 5.50 7.77 -13.24
C GLY A 290 6.31 7.40 -14.47
N GLY A 291 7.33 6.57 -14.30
CA GLY A 291 8.09 6.02 -15.41
C GLY A 291 9.39 6.75 -15.67
N GLY A 292 9.51 7.97 -15.19
CA GLY A 292 10.71 8.76 -15.32
C GLY A 292 10.51 10.25 -15.44
N SER A 293 11.59 10.98 -15.16
CA SER A 293 11.54 12.44 -15.11
C SER A 293 11.27 13.03 -16.49
N ARG A 294 11.43 12.22 -17.53
CA ARG A 294 11.10 12.68 -18.89
C ARG A 294 9.66 12.25 -19.21
N LEU A 295 9.14 11.32 -18.39
CA LEU A 295 7.80 10.81 -18.68
C LEU A 295 6.84 11.50 -17.71
N ASN A 296 6.00 10.68 -17.08
CA ASN A 296 4.91 11.21 -16.25
C ASN A 296 5.27 11.41 -14.81
N SER A 297 6.51 11.13 -14.38
CA SER A 297 6.78 11.31 -12.95
C SER A 297 6.55 12.74 -12.46
N GLY A 298 6.61 13.73 -13.35
CA GLY A 298 6.39 15.09 -12.86
C GLY A 298 4.93 15.50 -13.03
N ASN A 299 4.12 14.64 -13.63
CA ASN A 299 2.68 14.77 -13.71
C ASN A 299 2.03 14.26 -12.44
N ARG A 300 2.54 14.69 -11.30
CA ARG A 300 2.17 14.03 -10.07
C ARG A 300 2.50 14.97 -8.91
N TRP A 301 1.83 14.73 -7.81
CA TRP A 301 2.13 15.31 -6.51
C TRP A 301 2.15 14.13 -5.55
N PHE A 302 3.31 13.55 -5.24
CA PHE A 302 3.26 12.26 -4.54
C PHE A 302 2.87 12.37 -3.08
N ASP A 303 2.84 13.59 -2.53
CA ASP A 303 2.28 13.81 -1.20
C ASP A 303 0.77 13.60 -1.07
N LYS A 304 0.06 13.73 -2.18
CA LYS A 304 -1.39 13.69 -2.23
C LYS A 304 -1.92 12.32 -1.82
N THR A 305 -2.80 12.20 -0.84
CA THR A 305 -3.23 10.85 -0.48
C THR A 305 -3.81 9.99 -1.59
N LEU A 306 -4.62 10.56 -2.48
CA LEU A 306 -5.27 9.82 -3.54
C LEU A 306 -4.99 10.47 -4.89
N GLN A 307 -4.28 9.76 -5.75
CA GLN A 307 -4.05 10.27 -7.09
C GLN A 307 -4.62 9.27 -8.07
N PHE A 308 -5.62 9.66 -8.82
CA PHE A 308 -6.04 8.79 -9.91
C PHE A 308 -5.25 9.10 -11.17
N ILE A 309 -4.95 8.09 -11.96
CA ILE A 309 -4.15 8.31 -13.16
C ILE A 309 -4.89 7.77 -14.36
N VAL A 310 -5.06 8.65 -15.35
CA VAL A 310 -5.65 8.24 -16.62
C VAL A 310 -4.69 8.60 -17.76
N ALA A 311 -4.14 7.57 -18.38
CA ALA A 311 -3.19 7.77 -19.45
C ALA A 311 -3.88 7.84 -20.81
N GLU A 312 -3.13 8.36 -21.76
CA GLU A 312 -3.59 8.50 -23.13
C GLU A 312 -3.96 7.18 -23.75
N ASP A 313 -3.22 6.12 -23.42
CA ASP A 313 -3.46 4.86 -24.13
C ASP A 313 -4.57 4.05 -23.49
N GLY A 314 -5.21 4.53 -22.42
CA GLY A 314 -6.27 3.67 -21.87
C GLY A 314 -5.86 3.11 -20.51
N SER A 315 -4.55 3.13 -20.26
CA SER A 315 -3.89 2.72 -19.03
C SER A 315 -4.34 3.58 -17.85
N CYS A 316 -4.83 2.93 -16.81
CA CYS A 316 -5.45 3.59 -15.68
C CYS A 316 -5.07 2.94 -14.35
N GLY A 317 -5.30 3.65 -13.27
CA GLY A 317 -5.05 3.15 -11.92
C GLY A 317 -5.02 4.30 -10.93
N LEU A 318 -4.21 4.05 -9.89
CA LEU A 318 -3.97 5.07 -8.89
C LEU A 318 -2.66 4.82 -8.15
N VAL A 319 -2.28 5.81 -7.37
CA VAL A 319 -1.17 5.62 -6.43
C VAL A 319 -1.58 6.36 -5.16
N TYR A 320 -1.45 5.69 -4.02
CA TYR A 320 -1.97 6.30 -2.79
C TYR A 320 -0.88 6.51 -1.77
N GLU A 321 -0.97 7.60 -1.02
CA GLU A 321 0.01 7.85 0.04
C GLU A 321 -0.40 7.00 1.24
N HIS A 322 0.52 6.21 1.72
CA HIS A 322 0.21 5.15 2.68
C HIS A 322 0.02 5.59 4.11
N ALA A 323 0.43 6.76 4.54
CA ALA A 323 0.60 7.15 5.94
C ALA A 323 -0.64 6.89 6.77
N ALA A 324 -1.82 7.14 6.23
CA ALA A 324 -3.05 6.98 7.00
C ALA A 324 -4.00 6.01 6.31
N ALA A 325 -3.50 5.39 5.24
CA ALA A 325 -4.35 4.50 4.47
C ALA A 325 -3.82 3.07 4.48
N GLU A 326 -4.66 2.10 4.09
CA GLU A 326 -4.34 0.71 3.83
C GLU A 326 -4.92 0.26 2.51
N GLY A 327 -4.47 -0.86 2.01
CA GLY A 327 -4.92 -1.33 0.71
C GLY A 327 -6.42 -1.53 0.63
N PRO A 328 -6.99 -2.41 1.43
CA PRO A 328 -8.40 -2.80 1.27
C PRO A 328 -9.34 -1.61 1.23
N PRO A 329 -9.31 -0.65 2.13
CA PRO A 329 -10.22 0.51 1.97
C PRO A 329 -9.99 1.20 0.64
N ILE A 330 -8.75 1.44 0.25
CA ILE A 330 -8.53 2.04 -1.05
C ILE A 330 -9.17 1.22 -2.16
N VAL A 331 -9.03 -0.11 -2.21
CA VAL A 331 -9.67 -0.79 -3.36
C VAL A 331 -11.18 -0.94 -3.16
N THR A 332 -11.73 -0.76 -1.97
CA THR A 332 -13.19 -0.69 -1.87
C THR A 332 -13.71 0.53 -2.61
N LEU A 333 -13.07 1.65 -2.29
CA LEU A 333 -13.31 2.91 -2.98
C LEU A 333 -13.22 2.68 -4.48
N LEU A 334 -12.10 2.13 -4.92
CA LEU A 334 -11.89 1.93 -6.37
C LEU A 334 -12.96 1.07 -6.98
N ASP A 335 -13.34 0.02 -6.24
CA ASP A 335 -14.36 -0.90 -6.76
C ASP A 335 -15.66 -0.10 -6.94
N TYR A 336 -15.99 0.68 -5.91
CA TYR A 336 -17.20 1.48 -6.01
C TYR A 336 -17.15 2.39 -7.22
N VAL A 337 -16.05 3.13 -7.31
CA VAL A 337 -15.91 4.13 -8.37
C VAL A 337 -16.02 3.50 -9.73
N ILE A 338 -15.35 2.34 -9.89
CA ILE A 338 -15.46 1.75 -11.23
C ILE A 338 -16.87 1.29 -11.54
N GLU A 339 -17.48 0.62 -10.56
CA GLU A 339 -18.85 0.17 -10.82
C GLU A 339 -19.78 1.37 -11.03
N TYR A 340 -19.58 2.49 -10.34
CA TYR A 340 -20.38 3.68 -10.65
C TYR A 340 -20.21 4.03 -12.11
N THR A 341 -18.97 3.98 -12.61
CA THR A 341 -18.75 4.48 -13.96
C THR A 341 -19.56 3.72 -15.01
N LYS A 342 -20.06 2.53 -14.70
CA LYS A 342 -20.87 1.80 -15.64
C LYS A 342 -22.36 1.96 -15.36
N LYS A 343 -22.72 2.75 -14.35
CA LYS A 343 -24.16 2.92 -14.10
C LYS A 343 -24.73 4.01 -15.01
N PRO A 344 -26.01 3.86 -15.34
CA PRO A 344 -26.66 4.82 -16.24
C PRO A 344 -26.68 6.23 -15.67
N GLU A 345 -26.40 7.25 -16.49
CA GLU A 345 -26.60 8.59 -15.89
C GLU A 345 -28.10 8.86 -15.79
N LEU A 346 -28.56 9.51 -14.74
CA LEU A 346 -29.97 9.62 -14.43
C LEU A 346 -30.51 11.04 -14.46
N VAL A 347 -29.76 11.94 -13.84
CA VAL A 347 -30.24 13.31 -13.74
C VAL A 347 -29.08 14.27 -14.07
N ARG A 348 -29.25 14.93 -15.20
CA ARG A 348 -28.43 15.91 -15.86
C ARG A 348 -28.63 17.33 -15.32
N SER A 349 -27.76 17.85 -14.47
CA SER A 349 -27.96 19.22 -14.00
C SER A 349 -28.01 20.17 -15.20
N PRO A 350 -29.01 21.05 -15.16
CA PRO A 350 -29.28 22.04 -16.21
C PRO A 350 -28.05 22.83 -16.64
N MET A 351 -28.05 23.13 -17.93
CA MET A 351 -26.95 23.93 -18.47
C MET A 351 -26.86 25.26 -17.71
N VAL A 352 -25.63 25.67 -17.52
CA VAL A 352 -25.23 26.88 -16.82
C VAL A 352 -23.91 27.37 -17.42
N PRO A 353 -23.62 28.65 -17.31
CA PRO A 353 -22.27 29.11 -17.66
C PRO A 353 -21.24 28.37 -16.83
N LEU A 354 -20.13 27.93 -17.44
CA LEU A 354 -19.12 27.35 -16.55
C LEU A 354 -17.86 28.20 -16.57
N PRO A 355 -17.26 28.48 -15.42
CA PRO A 355 -16.02 29.25 -15.45
C PRO A 355 -14.84 28.43 -15.98
N MET A 356 -13.76 29.17 -16.22
CA MET A 356 -12.50 28.59 -16.64
C MET A 356 -11.78 28.02 -15.43
N PRO A 357 -11.47 26.73 -15.41
CA PRO A 357 -10.70 26.20 -14.27
C PRO A 357 -9.39 26.96 -14.14
N LYS A 358 -8.99 27.16 -12.89
CA LYS A 358 -7.82 27.97 -12.59
C LYS A 358 -6.54 27.17 -12.76
N LYS A 359 -5.62 27.70 -13.59
CA LYS A 359 -4.29 27.07 -13.71
C LYS A 359 -3.50 27.51 -12.49
N LEU A 360 -2.86 26.53 -11.84
CA LEU A 360 -2.10 26.78 -10.64
C LEU A 360 -0.62 26.88 -11.02
N ARG A 361 -0.19 28.10 -11.31
CA ARG A 361 1.15 28.40 -11.81
C ARG A 361 2.24 28.30 -10.75
N PHE A 362 3.46 28.11 -11.24
CA PHE A 362 4.66 28.15 -10.42
C PHE A 362 5.68 29.09 -11.08
N ASN A 363 6.16 30.01 -10.27
CA ASN A 363 7.26 30.93 -10.55
C ASN A 363 8.58 30.22 -10.26
N ILE A 364 9.35 29.92 -11.31
CA ILE A 364 10.57 29.16 -10.98
C ILE A 364 11.78 30.08 -10.95
N THR A 365 12.67 29.80 -10.01
CA THR A 365 13.94 30.48 -9.82
C THR A 365 15.10 29.54 -10.11
N PRO A 366 16.34 30.04 -10.21
CA PRO A 366 17.45 29.11 -10.44
C PRO A 366 17.53 28.07 -9.32
N GLU A 367 17.27 28.49 -8.09
CA GLU A 367 17.22 27.54 -6.97
C GLU A 367 16.19 26.44 -7.19
N ILE A 368 14.94 26.81 -7.44
CA ILE A 368 13.89 25.81 -7.66
C ILE A 368 14.23 24.94 -8.85
N LYS A 369 14.71 25.58 -9.91
CA LYS A 369 15.17 24.78 -11.06
C LYS A 369 16.24 23.77 -10.63
N SER A 370 17.16 24.14 -9.75
CA SER A 370 18.20 23.22 -9.28
C SER A 370 17.61 22.11 -8.42
N ASP A 371 16.65 22.43 -7.55
CA ASP A 371 16.03 21.32 -6.82
C ASP A 371 15.36 20.32 -7.75
N ILE A 372 14.65 20.87 -8.75
CA ILE A 372 13.96 20.03 -9.72
C ILE A 372 14.97 19.11 -10.40
N GLU A 373 16.11 19.62 -10.84
CA GLU A 373 17.06 18.78 -11.57
C GLU A 373 17.61 17.66 -10.68
N LYS A 374 17.88 18.07 -9.44
CA LYS A 374 18.36 17.13 -8.44
C LYS A 374 17.29 16.07 -8.19
N ALA A 375 16.03 16.49 -8.18
CA ALA A 375 14.94 15.54 -7.99
C ALA A 375 14.80 14.60 -9.16
N LYS A 376 14.99 15.10 -10.38
CA LYS A 376 14.96 14.23 -11.55
C LYS A 376 16.04 13.17 -11.43
N GLN A 377 17.22 13.61 -10.99
CA GLN A 377 18.35 12.69 -10.88
C GLN A 377 18.12 11.61 -9.84
N ASN A 378 17.64 11.98 -8.66
CA ASN A 378 17.40 11.01 -7.59
C ASN A 378 16.38 9.97 -8.06
N LEU A 379 15.32 10.46 -8.72
CA LEU A 379 14.24 9.57 -9.14
C LEU A 379 14.70 8.60 -10.21
N SER A 380 15.56 9.12 -11.10
CA SER A 380 16.12 8.27 -12.14
C SER A 380 16.87 7.10 -11.51
N ILE A 381 17.63 7.44 -10.48
CA ILE A 381 18.38 6.39 -9.80
C ILE A 381 17.43 5.38 -9.18
N MET A 382 16.35 5.83 -8.55
CA MET A 382 15.42 4.87 -7.96
C MET A 382 14.70 3.99 -8.96
N ILE A 383 14.26 4.65 -10.04
CA ILE A 383 13.50 3.91 -11.05
C ILE A 383 14.37 2.85 -11.69
N GLN A 384 15.61 3.21 -11.97
CA GLN A 384 16.58 2.34 -12.62
C GLN A 384 16.92 1.12 -11.77
N ASP A 385 16.80 1.29 -10.46
CA ASP A 385 17.06 0.23 -9.51
C ASP A 385 15.83 -0.62 -9.25
N LEU A 386 14.66 -0.24 -9.78
CA LEU A 386 13.48 -1.03 -9.47
C LEU A 386 13.15 -2.05 -10.54
N ASP A 387 13.01 -3.30 -10.12
CA ASP A 387 12.62 -4.43 -10.98
C ASP A 387 11.22 -4.84 -10.55
N ILE A 388 10.23 -4.59 -11.41
CA ILE A 388 8.87 -4.97 -11.08
C ILE A 388 8.26 -5.87 -12.16
N THR A 389 7.50 -6.87 -11.69
CA THR A 389 6.84 -7.69 -12.69
C THR A 389 5.38 -7.90 -12.27
N VAL A 390 4.53 -8.01 -13.29
CA VAL A 390 3.12 -8.35 -13.01
C VAL A 390 2.88 -9.73 -13.59
N MET A 391 2.36 -10.63 -12.76
CA MET A 391 2.03 -11.93 -13.33
C MET A 391 0.55 -12.22 -13.16
N VAL A 392 -0.13 -12.59 -14.24
CA VAL A 392 -1.52 -13.04 -14.04
C VAL A 392 -1.51 -14.56 -13.94
N PHE A 393 -1.85 -15.14 -12.79
CA PHE A 393 -1.89 -16.60 -12.67
C PHE A 393 -3.25 -17.09 -13.14
N HIS A 394 -3.30 -17.67 -14.34
CA HIS A 394 -4.55 -17.97 -14.99
C HIS A 394 -5.08 -19.35 -14.66
N HIS A 395 -4.26 -20.22 -14.08
CA HIS A 395 -4.69 -21.61 -13.96
C HIS A 395 -5.84 -21.79 -12.98
N PHE A 396 -5.84 -21.01 -11.91
CA PHE A 396 -6.97 -21.11 -10.97
C PHE A 396 -6.95 -19.90 -10.05
N GLY A 397 -8.00 -19.77 -9.25
CA GLY A 397 -8.02 -18.73 -8.23
C GLY A 397 -8.38 -19.33 -6.88
N LYS A 398 -9.30 -18.67 -6.19
CA LYS A 398 -9.78 -19.14 -4.91
C LYS A 398 -10.47 -20.49 -5.04
N ASP A 399 -11.00 -20.75 -6.21
CA ASP A 399 -11.82 -21.92 -6.50
C ASP A 399 -11.08 -23.19 -6.11
N PHE A 400 -9.82 -23.34 -6.49
CA PHE A 400 -9.24 -24.65 -6.22
C PHE A 400 -9.04 -24.90 -4.73
N PRO A 401 -8.31 -24.04 -4.02
CA PRO A 401 -8.08 -24.30 -2.58
C PRO A 401 -9.41 -24.43 -1.86
N LYS A 402 -10.40 -23.60 -2.24
CA LYS A 402 -11.74 -23.73 -1.68
C LYS A 402 -12.25 -25.16 -1.84
N SER A 403 -12.09 -25.72 -3.04
CA SER A 403 -12.56 -27.08 -3.25
C SER A 403 -11.80 -28.08 -2.37
N GLU A 404 -10.57 -27.74 -1.99
CA GLU A 404 -9.80 -28.60 -1.10
C GLU A 404 -10.09 -28.24 0.35
N LYS A 405 -11.07 -27.36 0.55
CA LYS A 405 -11.35 -26.98 1.94
C LYS A 405 -10.13 -26.36 2.59
N LEU A 406 -9.34 -25.62 1.80
CA LEU A 406 -8.22 -24.88 2.37
C LEU A 406 -8.39 -23.39 2.11
N SER A 407 -7.91 -22.56 3.03
CA SER A 407 -7.98 -21.11 2.79
C SER A 407 -7.20 -20.70 1.55
N PRO A 408 -7.76 -20.07 0.54
CA PRO A 408 -6.95 -19.71 -0.64
C PRO A 408 -5.77 -18.82 -0.30
N ASP A 409 -5.90 -17.87 0.62
CA ASP A 409 -4.77 -17.04 0.99
C ASP A 409 -3.66 -17.89 1.60
N ALA A 410 -4.01 -18.83 2.50
CA ALA A 410 -2.94 -19.61 3.13
C ALA A 410 -2.22 -20.47 2.10
N PHE A 411 -2.98 -20.98 1.13
CA PHE A 411 -2.50 -21.78 0.02
C PHE A 411 -1.45 -21.00 -0.77
N ILE A 412 -1.83 -19.78 -1.14
CA ILE A 412 -0.97 -18.92 -1.92
C ILE A 412 0.29 -18.58 -1.14
N GLN A 413 0.08 -18.28 0.15
CA GLN A 413 1.26 -17.99 0.95
C GLN A 413 2.21 -19.18 0.97
N MET A 414 1.66 -20.39 1.05
CA MET A 414 2.58 -21.55 1.15
C MET A 414 3.26 -21.80 -0.18
N ALA A 415 2.56 -21.51 -1.28
CA ALA A 415 3.16 -21.62 -2.60
C ALA A 415 4.36 -20.69 -2.68
N LEU A 416 4.18 -19.47 -2.18
CA LEU A 416 5.28 -18.52 -2.23
C LEU A 416 6.44 -19.01 -1.37
N GLN A 417 6.11 -19.66 -0.25
CA GLN A 417 7.18 -20.18 0.60
C GLN A 417 7.96 -21.26 -0.17
N LEU A 418 7.21 -22.03 -0.95
CA LEU A 418 7.82 -23.14 -1.67
C LEU A 418 8.74 -22.64 -2.77
N ALA A 419 8.30 -21.64 -3.51
CA ALA A 419 9.06 -20.96 -4.55
C ALA A 419 10.40 -20.42 -4.05
N TYR A 420 10.29 -19.64 -2.96
CA TYR A 420 11.44 -19.03 -2.35
C TYR A 420 12.48 -20.09 -2.00
N TYR A 421 12.00 -21.20 -1.43
CA TYR A 421 12.92 -22.23 -0.93
C TYR A 421 13.59 -22.94 -2.11
N ARG A 422 12.85 -23.10 -3.21
CA ARG A 422 13.40 -23.79 -4.37
C ARG A 422 14.49 -22.96 -5.02
N ILE A 423 14.37 -21.64 -4.89
CA ILE A 423 15.44 -20.77 -5.39
C ILE A 423 16.57 -20.64 -4.38
N TYR A 424 16.25 -20.49 -3.09
CA TYR A 424 17.29 -20.08 -2.15
C TYR A 424 17.78 -21.16 -1.20
N GLY A 425 17.13 -22.32 -1.13
CA GLY A 425 17.66 -23.35 -0.26
C GLY A 425 17.44 -23.10 1.21
N GLN A 426 16.68 -22.06 1.55
CA GLN A 426 16.36 -21.89 2.97
C GLN A 426 15.09 -21.05 3.09
N ALA A 427 14.51 -20.96 4.28
CA ALA A 427 13.35 -20.09 4.51
C ALA A 427 13.88 -18.67 4.72
N CYS A 428 13.00 -17.69 4.62
CA CYS A 428 13.41 -16.32 4.96
C CYS A 428 12.32 -15.63 5.81
N ALA A 429 12.69 -14.65 6.60
CA ALA A 429 11.73 -13.73 7.20
C ALA A 429 10.71 -13.28 6.16
N THR A 430 9.45 -13.60 6.42
CA THR A 430 8.32 -13.28 5.56
C THR A 430 7.24 -12.56 6.34
N TYR A 431 6.79 -11.45 5.72
CA TYR A 431 5.72 -10.65 6.33
C TYR A 431 4.47 -10.81 5.49
N GLU A 432 3.33 -11.04 6.08
CA GLU A 432 2.07 -10.92 5.35
C GLU A 432 1.21 -9.93 6.14
N SER A 433 0.63 -8.94 5.46
CA SER A 433 -0.17 -7.99 6.21
C SER A 433 -1.51 -8.57 6.68
N ALA A 434 -1.84 -8.30 7.95
CA ALA A 434 -3.10 -8.65 8.56
C ALA A 434 -3.89 -7.40 9.00
N SER A 435 -5.18 -7.36 8.66
CA SER A 435 -6.01 -6.23 9.02
C SER A 435 -6.53 -6.32 10.45
N LEU A 436 -6.30 -5.29 11.25
CA LEU A 436 -6.79 -5.30 12.63
C LEU A 436 -8.09 -4.50 12.78
N ARG A 437 -8.84 -4.38 11.69
CA ARG A 437 -10.08 -3.60 11.68
C ARG A 437 -11.17 -4.12 12.59
N MET A 438 -11.05 -5.32 13.15
CA MET A 438 -12.06 -5.71 14.13
C MET A 438 -12.01 -4.79 15.35
N PHE A 439 -10.87 -4.16 15.55
CA PHE A 439 -10.68 -3.24 16.66
C PHE A 439 -10.73 -1.78 16.21
N HIS A 440 -11.19 -0.95 17.13
CA HIS A 440 -11.28 0.48 16.94
C HIS A 440 -9.99 1.10 16.38
N LEU A 441 -10.04 1.69 15.21
CA LEU A 441 -8.91 2.39 14.60
C LEU A 441 -7.80 1.44 14.20
N GLY A 442 -8.12 0.16 14.10
CA GLY A 442 -7.09 -0.82 13.84
C GLY A 442 -6.51 -0.67 12.46
N ARG A 443 -5.19 -0.85 12.35
CA ARG A 443 -4.52 -0.87 11.06
C ARG A 443 -4.14 -2.31 10.71
N THR A 444 -2.88 -2.69 11.01
CA THR A 444 -2.36 -3.98 10.59
C THR A 444 -1.45 -4.56 11.67
N ASP A 445 -1.16 -5.84 11.50
CA ASP A 445 -0.15 -6.55 12.28
C ASP A 445 0.50 -7.56 11.35
N THR A 446 1.50 -8.28 11.87
CA THR A 446 2.27 -9.13 10.99
C THR A 446 1.99 -10.62 11.11
N ILE A 447 1.58 -11.20 10.00
CA ILE A 447 1.53 -12.65 9.91
C ILE A 447 2.89 -13.13 9.46
N ARG A 448 3.47 -14.10 10.16
CA ARG A 448 4.77 -14.59 9.70
C ARG A 448 4.60 -15.90 8.97
N SER A 449 4.75 -15.88 7.65
CA SER A 449 4.50 -17.04 6.83
C SER A 449 5.61 -18.08 6.89
N ALA A 450 6.82 -17.72 7.30
CA ALA A 450 7.84 -18.79 7.43
C ALA A 450 7.75 -19.39 8.83
N SER A 451 7.48 -20.70 8.89
CA SER A 451 7.27 -21.41 10.14
C SER A 451 7.88 -22.79 10.07
N MET A 452 8.02 -23.47 11.22
CA MET A 452 8.58 -24.83 11.10
C MET A 452 7.65 -25.70 10.25
N ASP A 453 6.35 -25.39 10.29
CA ASP A 453 5.42 -26.16 9.45
C ASP A 453 5.70 -25.93 7.98
N SER A 454 5.86 -24.65 7.59
CA SER A 454 6.12 -24.43 6.17
C SER A 454 7.48 -25.00 5.78
N LEU A 455 8.43 -24.92 6.70
CA LEU A 455 9.78 -25.36 6.34
C LEU A 455 9.78 -26.86 6.10
N THR A 456 9.08 -27.59 6.97
CA THR A 456 9.02 -29.04 6.84
C THR A 456 8.35 -29.39 5.52
N PHE A 457 7.26 -28.69 5.22
CA PHE A 457 6.56 -28.86 3.96
C PHE A 457 7.51 -28.61 2.80
N VAL A 458 8.22 -27.48 2.81
CA VAL A 458 8.96 -27.17 1.57
C VAL A 458 10.18 -28.07 1.40
N LYS A 459 10.80 -28.46 2.50
CA LYS A 459 11.97 -29.35 2.40
C LYS A 459 11.58 -30.72 1.89
N ALA A 460 10.39 -31.18 2.28
CA ALA A 460 9.88 -32.47 1.86
C ALA A 460 9.36 -32.48 0.44
N MET A 461 8.88 -31.34 -0.06
CA MET A 461 8.09 -31.32 -1.29
C MET A 461 8.84 -31.93 -2.47
N ASP A 462 10.14 -31.63 -2.56
CA ASP A 462 10.92 -32.16 -3.68
C ASP A 462 11.78 -33.37 -3.31
N ASP A 463 11.62 -33.88 -2.09
CA ASP A 463 12.34 -35.06 -1.62
C ASP A 463 11.76 -36.34 -2.20
N SER A 464 12.52 -36.95 -3.09
CA SER A 464 12.13 -38.21 -3.70
C SER A 464 11.91 -39.30 -2.66
N SER A 465 12.50 -39.15 -1.48
CA SER A 465 12.41 -40.22 -0.48
C SER A 465 11.22 -40.10 0.46
N VAL A 466 10.36 -39.11 0.29
CA VAL A 466 9.16 -38.92 1.09
C VAL A 466 7.94 -39.41 0.33
N THR A 467 6.94 -40.03 0.96
CA THR A 467 5.78 -40.45 0.18
C THR A 467 4.90 -39.25 -0.18
N GLU A 468 4.16 -39.37 -1.26
CA GLU A 468 3.16 -38.38 -1.66
C GLU A 468 2.18 -38.15 -0.52
N HIS A 469 1.76 -39.25 0.10
CA HIS A 469 0.86 -39.12 1.23
C HIS A 469 1.49 -38.21 2.30
N GLN A 470 2.74 -38.50 2.69
CA GLN A 470 3.44 -37.60 3.60
C GLN A 470 3.45 -36.15 3.12
N LYS A 471 3.75 -35.94 1.84
CA LYS A 471 3.85 -34.58 1.29
C LYS A 471 2.52 -33.82 1.41
N VAL A 472 1.43 -34.48 1.05
CA VAL A 472 0.09 -33.93 1.19
C VAL A 472 -0.24 -33.56 2.62
N GLU A 473 0.02 -34.47 3.55
CA GLU A 473 -0.16 -34.19 4.97
C GLU A 473 0.57 -32.92 5.39
N LEU A 474 1.84 -32.79 5.01
CA LEU A 474 2.64 -31.65 5.42
C LEU A 474 2.11 -30.37 4.74
N LEU A 475 1.69 -30.50 3.49
CA LEU A 475 1.07 -29.37 2.79
C LEU A 475 -0.15 -28.92 3.60
N ARG A 476 -1.10 -29.85 3.80
CA ARG A 476 -2.34 -29.44 4.48
C ARG A 476 -2.00 -28.85 5.84
N LYS A 477 -0.98 -29.44 6.47
CA LYS A 477 -0.69 -28.90 7.81
C LYS A 477 -0.02 -27.55 7.71
N ALA A 478 0.81 -27.29 6.70
CA ALA A 478 1.40 -25.94 6.64
C ALA A 478 0.32 -24.91 6.33
N VAL A 479 -0.50 -25.17 5.32
CA VAL A 479 -1.60 -24.28 4.95
C VAL A 479 -2.52 -24.01 6.12
N GLN A 480 -3.00 -25.09 6.73
CA GLN A 480 -3.86 -24.89 7.90
C GLN A 480 -3.16 -24.20 9.05
N ALA A 481 -1.85 -24.44 9.26
CA ALA A 481 -1.25 -23.68 10.37
C ALA A 481 -1.21 -22.19 10.03
N HIS A 482 -1.00 -21.87 8.75
CA HIS A 482 -0.89 -20.49 8.32
C HIS A 482 -2.22 -19.77 8.51
N ARG A 483 -3.28 -20.49 8.13
CA ARG A 483 -4.62 -19.94 8.40
C ARG A 483 -4.79 -19.69 9.88
N GLY A 484 -4.40 -20.61 10.75
CA GLY A 484 -4.47 -20.37 12.18
C GLY A 484 -3.72 -19.13 12.58
N TYR A 485 -2.51 -18.94 12.06
CA TYR A 485 -1.74 -17.75 12.39
C TYR A 485 -2.48 -16.50 11.86
N THR A 486 -3.06 -16.67 10.68
CA THR A 486 -3.72 -15.51 10.07
C THR A 486 -4.85 -15.06 10.97
N ASP A 487 -5.61 -16.04 11.46
CA ASP A 487 -6.81 -15.70 12.23
C ASP A 487 -6.41 -15.16 13.58
N ARG A 488 -5.30 -15.65 14.12
CA ARG A 488 -4.85 -15.10 15.39
C ARG A 488 -4.37 -13.66 15.20
N ALA A 489 -3.65 -13.41 14.10
CA ALA A 489 -3.20 -12.02 13.91
C ALA A 489 -4.40 -11.11 13.80
N ILE A 490 -5.45 -11.60 13.13
CA ILE A 490 -6.58 -10.69 12.91
C ILE A 490 -7.38 -10.42 14.16
N ARG A 491 -7.27 -11.26 15.18
CA ARG A 491 -7.90 -11.12 16.48
C ARG A 491 -6.90 -10.52 17.47
N GLY A 492 -5.80 -9.96 16.96
CA GLY A 492 -5.00 -9.24 17.95
C GLY A 492 -4.06 -10.17 18.68
N GLU A 493 -3.83 -11.39 18.16
CA GLU A 493 -2.98 -12.32 18.90
C GLU A 493 -1.62 -12.52 18.26
N ALA A 494 -1.27 -11.79 17.21
CA ALA A 494 0.08 -11.86 16.65
C ALA A 494 1.05 -11.21 17.63
N PHE A 495 2.34 -11.13 17.32
CA PHE A 495 3.31 -10.54 18.24
C PHE A 495 4.11 -9.39 17.66
N ASP A 496 4.16 -9.17 16.34
CA ASP A 496 5.15 -8.18 15.88
C ASP A 496 4.88 -6.77 16.36
N ARG A 497 3.63 -6.32 16.31
CA ARG A 497 3.40 -4.94 16.78
C ARG A 497 3.57 -4.92 18.28
N HIS A 498 3.31 -6.03 18.95
CA HIS A 498 3.52 -6.05 20.40
C HIS A 498 5.00 -5.85 20.73
N LEU A 499 5.91 -6.51 20.02
CA LEU A 499 7.35 -6.39 20.21
C LEU A 499 7.83 -4.97 19.90
N LEU A 500 7.25 -4.42 18.83
CA LEU A 500 7.60 -3.05 18.49
C LEU A 500 7.14 -2.15 19.62
N GLY A 501 5.95 -2.45 20.14
CA GLY A 501 5.43 -1.65 21.25
C GLY A 501 6.35 -1.74 22.46
N LEU A 502 6.90 -2.94 22.70
CA LEU A 502 7.78 -3.10 23.85
C LEU A 502 9.03 -2.25 23.67
N LYS A 503 9.55 -2.29 22.45
CA LYS A 503 10.72 -1.46 22.13
C LYS A 503 10.38 0.01 22.34
N LEU A 504 9.27 0.49 21.80
CA LEU A 504 8.96 1.92 21.94
C LEU A 504 8.62 2.27 23.38
N GLN A 505 7.99 1.31 24.08
CA GLN A 505 7.73 1.59 25.47
C GLN A 505 9.03 1.79 26.26
N ALA A 506 10.07 1.10 25.85
CA ALA A 506 11.40 1.26 26.45
C ALA A 506 11.89 2.69 26.28
N ILE A 507 11.71 3.22 25.07
CA ILE A 507 12.16 4.59 24.85
C ILE A 507 11.34 5.50 25.75
N GLU A 508 10.04 5.15 25.90
CA GLU A 508 9.22 6.02 26.74
C GLU A 508 9.71 6.02 28.18
N ASP A 509 10.11 4.85 28.65
CA ASP A 509 10.56 4.58 30.01
C ASP A 509 12.00 5.01 30.25
N LEU A 510 12.68 5.54 29.25
CA LEU A 510 14.03 6.04 29.41
C LEU A 510 15.01 4.92 29.70
N VAL A 511 14.80 3.78 29.02
CA VAL A 511 15.82 2.74 29.24
C VAL A 511 16.44 2.43 27.89
N SER A 512 17.63 1.81 27.91
CA SER A 512 18.20 1.41 26.63
C SER A 512 17.36 0.30 26.01
N THR A 513 17.45 0.24 24.68
CA THR A 513 16.96 -0.87 23.91
C THR A 513 17.26 -2.21 24.58
N PRO A 514 16.23 -2.96 24.94
CA PRO A 514 16.40 -4.33 25.45
C PRO A 514 17.22 -5.24 24.54
N ASP A 515 17.96 -6.16 25.16
CA ASP A 515 18.90 -7.02 24.45
C ASP A 515 18.20 -7.87 23.39
N ILE A 516 16.97 -8.27 23.71
CA ILE A 516 16.30 -9.09 22.69
C ILE A 516 16.11 -8.32 21.40
N PHE A 517 16.14 -6.98 21.41
CA PHE A 517 15.92 -6.27 20.14
C PHE A 517 17.23 -5.93 19.45
N MET A 518 18.33 -6.06 20.19
CA MET A 518 19.65 -5.83 19.59
C MET A 518 20.30 -7.15 19.21
N ASP A 519 19.63 -8.24 19.54
CA ASP A 519 20.09 -9.57 19.16
C ASP A 519 20.13 -9.78 17.66
N THR A 520 21.16 -10.37 17.13
CA THR A 520 21.24 -11.27 16.04
C THR A 520 19.98 -11.71 15.37
N SER A 521 19.14 -12.26 16.29
CA SER A 521 17.95 -12.94 15.77
C SER A 521 16.89 -11.93 15.37
N TYR A 522 16.79 -10.86 16.15
CA TYR A 522 15.72 -9.89 15.85
C TYR A 522 16.01 -9.18 14.54
N ALA A 523 17.27 -8.81 14.27
CA ALA A 523 17.44 -8.16 12.97
C ALA A 523 17.06 -9.14 11.85
N ILE A 524 17.48 -10.39 12.02
CA ILE A 524 17.11 -11.32 10.97
C ILE A 524 15.58 -11.43 10.87
N ALA A 525 14.91 -11.42 12.01
CA ALA A 525 13.47 -11.61 12.02
C ALA A 525 12.73 -10.42 11.39
N MET A 526 13.35 -9.27 11.50
CA MET A 526 12.75 -8.01 11.05
C MET A 526 13.22 -7.65 9.64
N HIS A 527 14.10 -8.45 9.08
CA HIS A 527 14.65 -8.25 7.74
C HIS A 527 13.87 -9.09 6.73
N PHE A 528 12.77 -8.54 6.22
CA PHE A 528 11.86 -9.35 5.43
C PHE A 528 12.28 -9.47 3.98
N HIS A 529 12.83 -10.63 3.61
CA HIS A 529 13.22 -10.84 2.23
C HIS A 529 11.97 -10.96 1.36
N LEU A 530 10.87 -11.31 2.01
CA LEU A 530 9.56 -11.35 1.35
C LEU A 530 8.59 -10.43 2.12
N SER A 531 8.14 -9.39 1.44
CA SER A 531 7.19 -8.46 2.08
C SER A 531 5.87 -8.58 1.33
N THR A 532 4.80 -9.04 1.98
CA THR A 532 3.66 -9.44 1.14
C THR A 532 2.34 -8.90 1.67
N SER A 533 1.34 -8.86 0.81
CA SER A 533 -0.03 -8.56 1.23
C SER A 533 -1.04 -9.06 0.20
N GLN A 534 -2.14 -9.62 0.71
CA GLN A 534 -3.27 -9.97 -0.17
C GLN A 534 -4.27 -8.81 -0.15
N VAL A 535 -4.67 -8.35 -1.33
CA VAL A 535 -5.56 -7.21 -1.44
C VAL A 535 -6.68 -7.54 -2.42
N PRO A 536 -7.67 -8.26 -1.94
CA PRO A 536 -8.75 -8.73 -2.81
C PRO A 536 -9.60 -7.55 -3.30
N ALA A 537 -10.02 -7.62 -4.56
CA ALA A 537 -10.84 -6.58 -5.15
C ALA A 537 -11.86 -7.16 -6.12
N LYS A 538 -13.05 -6.57 -6.16
CA LYS A 538 -14.04 -6.99 -7.13
C LYS A 538 -13.60 -6.64 -8.54
N THR A 539 -12.92 -5.51 -8.68
CA THR A 539 -12.34 -5.11 -9.96
C THR A 539 -11.11 -5.98 -10.24
N ASP A 540 -10.91 -6.31 -11.50
CA ASP A 540 -9.81 -7.17 -11.87
C ASP A 540 -8.51 -6.38 -11.94
N CYS A 541 -8.09 -5.90 -10.78
CA CYS A 541 -6.94 -5.03 -10.62
C CYS A 541 -5.84 -5.71 -9.80
N VAL A 542 -4.69 -5.07 -9.68
CA VAL A 542 -3.56 -5.54 -8.89
C VAL A 542 -2.86 -4.32 -8.31
N MET A 543 -2.33 -4.53 -7.12
CA MET A 543 -1.61 -3.54 -6.34
C MET A 543 -0.13 -3.94 -6.28
N PHE A 544 0.76 -2.99 -6.03
CA PHE A 544 2.18 -3.31 -6.00
C PHE A 544 2.92 -2.25 -5.20
N PHE A 545 4.11 -2.63 -4.73
CA PHE A 545 4.94 -1.75 -3.91
C PHE A 545 6.38 -2.25 -3.98
N GLY A 546 7.33 -1.45 -3.50
CA GLY A 546 8.71 -1.90 -3.60
C GLY A 546 9.04 -2.83 -2.44
N PRO A 547 10.13 -3.57 -2.56
CA PRO A 547 10.59 -4.42 -1.44
C PRO A 547 10.95 -3.53 -0.26
N VAL A 548 11.03 -4.09 0.91
CA VAL A 548 11.34 -3.27 2.08
C VAL A 548 12.81 -3.43 2.47
N VAL A 549 13.57 -4.29 1.90
CA VAL A 549 15.01 -4.49 2.10
C VAL A 549 15.70 -4.63 0.74
N PRO A 550 16.95 -4.19 0.66
CA PRO A 550 17.67 -4.19 -0.62
C PRO A 550 17.66 -5.55 -1.29
N ASP A 551 17.71 -6.58 -0.44
CA ASP A 551 17.81 -7.91 -1.02
C ASP A 551 16.51 -8.70 -0.92
N GLY A 552 15.36 -8.01 -0.89
CA GLY A 552 14.13 -8.79 -0.72
C GLY A 552 13.18 -8.55 -1.88
N TYR A 553 11.93 -8.96 -1.73
CA TYR A 553 10.92 -8.78 -2.76
C TYR A 553 9.65 -8.17 -2.17
N GLY A 554 8.87 -7.49 -3.01
CA GLY A 554 7.51 -7.05 -2.63
C GLY A 554 6.51 -7.89 -3.40
N VAL A 555 5.60 -8.57 -2.70
CA VAL A 555 4.65 -9.47 -3.37
C VAL A 555 3.22 -9.11 -2.90
N CYS A 556 2.36 -8.87 -3.88
CA CYS A 556 0.99 -8.44 -3.59
C CYS A 556 0.11 -9.14 -4.60
N TYR A 557 -1.11 -9.51 -4.22
CA TYR A 557 -1.92 -10.26 -5.18
C TYR A 557 -3.41 -10.03 -4.90
N ASN A 558 -4.18 -10.24 -5.95
CA ASN A 558 -5.64 -10.18 -5.86
C ASN A 558 -6.19 -11.50 -6.36
N PRO A 559 -6.57 -12.39 -5.46
CA PRO A 559 -7.20 -13.66 -5.85
C PRO A 559 -8.65 -13.43 -6.25
N MET A 560 -8.92 -13.77 -7.50
CA MET A 560 -10.29 -13.80 -7.99
C MET A 560 -10.73 -15.26 -7.92
N GLU A 561 -11.96 -15.51 -8.36
CA GLU A 561 -12.51 -16.86 -8.36
C GLU A 561 -11.66 -17.85 -9.15
N ALA A 562 -11.26 -17.47 -10.38
CA ALA A 562 -10.61 -18.44 -11.25
C ALA A 562 -9.23 -18.01 -11.72
N HIS A 563 -8.71 -16.94 -11.14
CA HIS A 563 -7.36 -16.49 -11.46
C HIS A 563 -6.88 -15.64 -10.28
N ILE A 564 -5.62 -15.27 -10.31
CA ILE A 564 -4.96 -14.50 -9.28
C ILE A 564 -4.04 -13.50 -9.98
N ASN A 565 -4.21 -12.22 -9.65
CA ASN A 565 -3.31 -11.21 -10.16
C ASN A 565 -2.19 -10.99 -9.14
N PHE A 566 -0.95 -11.17 -9.57
CA PHE A 566 0.21 -11.02 -8.71
C PHE A 566 1.11 -9.87 -9.17
N SER A 567 1.71 -9.16 -8.24
CA SER A 567 2.82 -8.28 -8.65
C SER A 567 4.02 -8.70 -7.82
N LEU A 568 5.22 -8.60 -8.36
CA LEU A 568 6.42 -8.92 -7.57
C LEU A 568 7.50 -7.90 -7.92
N SER A 569 8.16 -7.36 -6.91
CA SER A 569 9.19 -6.36 -7.13
C SER A 569 10.51 -6.78 -6.52
N ALA A 570 11.60 -6.27 -7.08
CA ALA A 570 12.92 -6.53 -6.50
C ALA A 570 13.82 -5.34 -6.86
N TYR A 571 14.97 -5.18 -6.24
CA TYR A 571 15.94 -4.14 -6.56
C TYR A 571 17.12 -4.69 -7.38
N ASN A 572 17.56 -3.95 -8.39
CA ASN A 572 18.61 -4.37 -9.29
C ASN A 572 19.99 -4.33 -8.64
N SER A 573 20.10 -3.58 -7.56
CA SER A 573 21.21 -3.44 -6.66
C SER A 573 21.62 -4.79 -6.09
N CYS A 574 20.70 -5.76 -6.12
CA CYS A 574 21.00 -7.09 -5.59
C CYS A 574 20.88 -8.14 -6.67
N ALA A 575 22.03 -8.57 -7.22
CA ALA A 575 22.01 -9.50 -8.34
C ALA A 575 21.30 -10.81 -8.03
N GLU A 576 21.23 -11.19 -6.76
CA GLU A 576 20.60 -12.45 -6.38
C GLU A 576 19.08 -12.36 -6.37
N THR A 577 18.50 -11.16 -6.44
CA THR A 577 17.04 -11.21 -6.60
C THR A 577 16.63 -10.91 -8.04
N ASN A 578 15.54 -11.58 -8.43
CA ASN A 578 14.99 -11.39 -9.76
C ASN A 578 13.48 -11.59 -9.76
N ALA A 579 12.77 -10.48 -9.92
CA ALA A 579 11.31 -10.51 -9.79
C ALA A 579 10.68 -11.52 -10.72
N ALA A 580 11.10 -11.48 -11.98
CA ALA A 580 10.48 -12.37 -12.96
C ALA A 580 10.77 -13.83 -12.64
N ARG A 581 11.96 -14.04 -12.05
CA ARG A 581 12.35 -15.42 -11.75
C ARG A 581 11.50 -15.94 -10.60
N LEU A 582 11.35 -15.10 -9.57
CA LEU A 582 10.48 -15.51 -8.46
C LEU A 582 9.05 -15.73 -8.94
N ALA A 583 8.57 -14.85 -9.81
CA ALA A 583 7.23 -15.05 -10.37
C ALA A 583 7.11 -16.39 -11.07
N HIS A 584 8.06 -16.75 -11.94
CA HIS A 584 7.99 -18.08 -12.56
C HIS A 584 7.94 -19.20 -11.53
N TYR A 585 8.84 -19.13 -10.55
CA TYR A 585 8.87 -20.20 -9.55
C TYR A 585 7.58 -20.23 -8.75
N LEU A 586 6.99 -19.05 -8.53
CA LEU A 586 5.73 -19.03 -7.79
C LEU A 586 4.64 -19.66 -8.63
N GLU A 587 4.66 -19.43 -9.94
CA GLU A 587 3.61 -20.05 -10.77
C GLU A 587 3.71 -21.57 -10.66
N LYS A 588 4.93 -22.08 -10.73
CA LYS A 588 5.21 -23.51 -10.68
C LYS A 588 4.86 -24.11 -9.33
N ALA A 589 5.12 -23.35 -8.27
CA ALA A 589 4.78 -23.85 -6.94
C ALA A 589 3.27 -24.01 -6.77
N LEU A 590 2.48 -23.02 -7.16
CA LEU A 590 1.04 -23.17 -7.16
C LEU A 590 0.57 -24.37 -7.96
N LEU A 591 1.11 -24.49 -9.18
CA LEU A 591 0.79 -25.64 -10.00
C LEU A 591 1.20 -26.95 -9.31
N ASP A 592 2.39 -26.96 -8.72
CA ASP A 592 2.84 -28.23 -8.12
C ASP A 592 2.00 -28.60 -6.90
N MET A 593 1.55 -27.64 -6.11
CA MET A 593 0.70 -27.89 -4.96
C MET A 593 -0.65 -28.43 -5.39
N ARG A 594 -1.24 -27.81 -6.43
CA ARG A 594 -2.52 -28.36 -6.86
C ARG A 594 -2.32 -29.78 -7.39
N ALA A 595 -1.20 -29.99 -8.10
CA ALA A 595 -1.09 -31.34 -8.69
C ALA A 595 -0.92 -32.34 -7.56
N LEU A 596 -0.15 -31.95 -6.54
CA LEU A 596 0.12 -32.91 -5.46
C LEU A 596 -1.19 -33.31 -4.80
N LEU A 597 -2.06 -32.33 -4.54
CA LEU A 597 -3.30 -32.57 -3.83
C LEU A 597 -4.31 -33.35 -4.64
N GLN A 598 -4.24 -33.22 -5.96
CA GLN A 598 -5.19 -33.91 -6.82
C GLN A 598 -4.73 -35.31 -7.22
N SER A 599 -3.50 -35.74 -6.94
CA SER A 599 -3.03 -37.04 -7.41
C SER A 599 -3.77 -38.22 -6.73
C1 152 B . 1.04 -2.94 6.41
O1A 152 B . 1.17 -2.23 7.42
O1B 152 B . 1.14 -4.18 6.36
C2 152 B . 0.70 -2.22 5.10
C3 152 B . 1.39 -2.91 3.91
O3 152 B . 0.94 -2.18 2.75
C4 152 B . 2.90 -2.72 4.07
N5 152 B . 3.64 -3.58 3.02
C5A 152 B . 3.32 -3.11 1.61
C5B 152 B . 5.16 -3.41 3.26
C5C 152 B . 3.28 -5.04 3.20
#